data_8E7X
#
_entry.id   8E7X
#
_cell.length_a   57.952
_cell.length_b   100.103
_cell.length_c   95.614
_cell.angle_alpha   90.000
_cell.angle_beta   100.230
_cell.angle_gamma   90.000
#
_symmetry.space_group_name_H-M   'C 1 2 1'
#
loop_
_entity.id
_entity.type
_entity.pdbx_description
1 polymer 'Tryptophan-rich sensory protein'
2 non-polymer '(2R)-2,3-dihydroxypropyl (9Z)-octadec-9-enoate'
3 non-polymer 'PROTOPORPHYRIN IX CONTAINING FE'
4 water water
#
_entity_poly.entity_id   1
_entity_poly.type   'polypeptide(L)'
_entity_poly.pdbx_seq_one_letter_code
;MNMDWALFLTFLAACGAPATTGALLKPDEWYDNLNKPWWNPPRWVFPLAWTSLYFLMSLAAMRVAQLEGSGQALAFYAAQ
LAFNTLWTPVFFGMKRMATALAVVMVMWLFVAATMWAFFQLDTWAGVLFVPYLIWATFATGLNFEAMRLNWNRPEARA
;
_entity_poly.pdbx_strand_id   A,B,C
#
loop_
_chem_comp.id
_chem_comp.type
_chem_comp.name
_chem_comp.formula
HEM non-polymer 'PROTOPORPHYRIN IX CONTAINING FE' 'C34 H32 Fe N4 O4'
OLC non-polymer '(2R)-2,3-dihydroxypropyl (9Z)-octadec-9-enoate' 'C21 H40 O4'
#
# COMPACT_ATOMS: atom_id res chain seq x y z
N MET A 1 15.81 18.77 -4.93
CA MET A 1 14.82 17.75 -5.28
C MET A 1 15.51 16.48 -5.74
N ASN A 2 15.48 15.45 -4.91
CA ASN A 2 16.16 14.19 -5.21
C ASN A 2 15.19 13.03 -5.06
N MET A 3 15.61 11.88 -5.56
CA MET A 3 15.02 10.61 -5.17
C MET A 3 15.40 10.40 -3.71
N ASP A 4 14.46 10.66 -2.80
CA ASP A 4 14.68 10.53 -1.37
C ASP A 4 14.06 9.22 -0.89
N TRP A 5 14.93 8.25 -0.56
CA TRP A 5 14.44 6.90 -0.30
C TRP A 5 13.75 6.77 1.04
N ALA A 6 14.20 7.49 2.07
CA ALA A 6 13.47 7.46 3.34
C ALA A 6 12.04 7.95 3.15
N LEU A 7 11.87 9.06 2.43
CA LEU A 7 10.53 9.55 2.11
C LEU A 7 9.77 8.55 1.25
N PHE A 8 10.37 8.12 0.14
CA PHE A 8 9.66 7.27 -0.82
C PHE A 8 9.26 5.94 -0.17
N LEU A 9 10.18 5.31 0.56
CA LEU A 9 9.86 4.04 1.19
C LEU A 9 8.81 4.20 2.29
N THR A 10 8.80 5.34 2.98
CA THR A 10 7.76 5.57 3.98
C THR A 10 6.39 5.66 3.33
N PHE A 11 6.27 6.43 2.25
CA PHE A 11 4.99 6.55 1.55
C PHE A 11 4.59 5.22 0.93
N LEU A 12 5.56 4.48 0.37
CA LEU A 12 5.23 3.17 -0.19
C LEU A 12 4.76 2.19 0.88
N ALA A 13 5.45 2.18 2.03
CA ALA A 13 5.02 1.33 3.14
C ALA A 13 3.61 1.68 3.59
N ALA A 14 3.27 2.97 3.59
CA ALA A 14 1.92 3.39 3.96
C ALA A 14 0.88 2.77 3.04
N CYS A 15 1.21 2.58 1.74
CA CYS A 15 0.26 1.93 0.85
C CYS A 15 0.16 0.44 1.09
N GLY A 16 0.99 -0.11 1.97
CA GLY A 16 0.79 -1.48 2.40
C GLY A 16 -0.52 -1.71 3.12
N ALA A 17 -1.09 -0.63 3.72
CA ALA A 17 -2.37 -0.78 4.40
C ALA A 17 -3.53 -1.01 3.42
N PRO A 18 -3.76 -0.15 2.41
CA PRO A 18 -4.80 -0.49 1.43
C PRO A 18 -4.48 -1.74 0.62
N ALA A 19 -3.20 -2.00 0.34
CA ALA A 19 -2.84 -3.23 -0.35
C ALA A 19 -3.28 -4.45 0.45
N THR A 20 -3.22 -4.36 1.78
CA THR A 20 -3.63 -5.47 2.61
C THR A 20 -5.13 -5.73 2.50
N THR A 21 -5.95 -4.67 2.43
CA THR A 21 -7.39 -4.87 2.24
C THR A 21 -7.67 -5.64 0.96
N GLY A 22 -6.91 -5.36 -0.10
CA GLY A 22 -7.10 -6.10 -1.34
C GLY A 22 -6.63 -7.54 -1.22
N ALA A 23 -5.51 -7.76 -0.51
CA ALA A 23 -4.94 -9.10 -0.40
C ALA A 23 -5.83 -10.05 0.39
N LEU A 24 -6.64 -9.54 1.31
CA LEU A 24 -7.44 -10.40 2.17
C LEU A 24 -8.80 -10.73 1.55
N LEU A 25 -9.03 -10.35 0.30
CA LEU A 25 -10.30 -10.53 -0.39
C LEU A 25 -10.34 -11.93 -0.99
N LYS A 26 -11.06 -12.83 -0.33
CA LYS A 26 -11.32 -14.14 -0.91
C LYS A 26 -12.24 -13.99 -2.11
N PRO A 27 -12.22 -14.93 -3.06
CA PRO A 27 -13.19 -14.87 -4.16
C PRO A 27 -14.61 -14.96 -3.61
N ASP A 28 -15.42 -13.97 -3.97
CA ASP A 28 -16.75 -13.80 -3.41
C ASP A 28 -17.85 -14.17 -4.41
N GLU A 29 -18.76 -15.06 -3.98
CA GLU A 29 -19.89 -15.41 -4.83
C GLU A 29 -20.89 -14.27 -4.94
N TRP A 30 -21.02 -13.45 -3.89
CA TRP A 30 -21.88 -12.27 -3.98
C TRP A 30 -21.37 -11.29 -5.03
N TYR A 31 -20.04 -11.14 -5.13
CA TYR A 31 -19.49 -10.25 -6.15
C TYR A 31 -19.65 -10.83 -7.54
N ASP A 32 -19.47 -12.15 -7.70
CA ASP A 32 -19.59 -12.72 -9.05
C ASP A 32 -21.04 -12.72 -9.52
N ASN A 33 -21.99 -12.72 -8.58
CA ASN A 33 -23.40 -12.66 -8.92
C ASN A 33 -23.81 -11.28 -9.41
N LEU A 34 -23.09 -10.22 -9.01
CA LEU A 34 -23.51 -8.86 -9.29
C LEU A 34 -23.50 -8.54 -10.78
N ASN A 35 -24.54 -7.86 -11.23
CA ASN A 35 -24.56 -7.38 -12.61
C ASN A 35 -23.53 -6.25 -12.74
N LYS A 36 -22.65 -6.37 -13.72
CA LYS A 36 -21.60 -5.39 -13.88
C LYS A 36 -21.73 -4.69 -15.23
N PRO A 37 -21.29 -3.43 -15.32
CA PRO A 37 -21.27 -2.75 -16.61
C PRO A 37 -20.33 -3.46 -17.59
N TRP A 38 -20.58 -3.24 -18.88
CA TRP A 38 -19.79 -3.90 -19.91
C TRP A 38 -18.33 -3.51 -19.82
N TRP A 39 -18.03 -2.32 -19.28
CA TRP A 39 -16.67 -1.83 -19.18
C TRP A 39 -16.02 -2.21 -17.85
N ASN A 40 -16.67 -3.05 -17.05
CA ASN A 40 -16.02 -3.56 -15.84
C ASN A 40 -14.84 -4.42 -16.24
N PRO A 41 -13.65 -4.17 -15.71
CA PRO A 41 -12.50 -5.03 -16.03
C PRO A 41 -12.56 -6.33 -15.26
N PRO A 42 -11.86 -7.37 -15.71
CA PRO A 42 -11.77 -8.58 -14.91
C PRO A 42 -11.02 -8.29 -13.61
N ARG A 43 -11.19 -9.20 -12.65
CA ARG A 43 -10.73 -8.96 -11.28
C ARG A 43 -9.23 -8.78 -11.20
N TRP A 44 -8.47 -9.45 -12.08
CA TRP A 44 -7.01 -9.41 -12.00
C TRP A 44 -6.44 -8.03 -12.35
N VAL A 45 -7.20 -7.18 -13.04
CA VAL A 45 -6.70 -5.87 -13.43
C VAL A 45 -6.49 -4.97 -12.21
N PHE A 46 -7.34 -5.10 -11.19
CA PHE A 46 -7.32 -4.13 -10.10
C PHE A 46 -6.04 -4.17 -9.28
N PRO A 47 -5.54 -5.30 -8.80
CA PRO A 47 -4.27 -5.28 -8.05
C PRO A 47 -3.10 -4.77 -8.87
N LEU A 48 -3.07 -5.06 -10.17
CA LEU A 48 -2.02 -4.53 -11.04
C LEU A 48 -2.09 -3.01 -11.13
N ALA A 49 -3.29 -2.46 -11.31
CA ALA A 49 -3.45 -1.02 -11.42
C ALA A 49 -3.12 -0.32 -10.11
N TRP A 50 -3.56 -0.89 -8.98
CA TRP A 50 -3.32 -0.25 -7.69
C TRP A 50 -1.84 -0.25 -7.34
N THR A 51 -1.12 -1.33 -7.67
CA THR A 51 0.31 -1.37 -7.38
C THR A 51 1.04 -0.26 -8.12
N SER A 52 0.71 -0.05 -9.39
CA SER A 52 1.31 1.04 -10.15
C SER A 52 0.97 2.39 -9.53
N LEU A 53 -0.29 2.55 -9.08
CA LEU A 53 -0.72 3.82 -8.52
C LEU A 53 -0.06 4.07 -7.17
N TYR A 54 0.16 3.02 -6.38
CA TYR A 54 0.87 3.17 -5.10
C TYR A 54 2.26 3.71 -5.32
N PHE A 55 2.95 3.24 -6.37
CA PHE A 55 4.27 3.78 -6.69
C PHE A 55 4.16 5.21 -7.21
N LEU A 56 3.17 5.49 -8.05
CA LEU A 56 3.04 6.84 -8.60
C LEU A 56 2.71 7.84 -7.52
N MET A 57 1.73 7.53 -6.67
CA MET A 57 1.35 8.48 -5.63
C MET A 57 2.44 8.63 -4.57
N SER A 58 3.21 7.57 -4.32
CA SER A 58 4.29 7.65 -3.33
C SER A 58 5.45 8.48 -3.85
N LEU A 59 5.77 8.35 -5.14
CA LEU A 59 6.80 9.19 -5.74
C LEU A 59 6.35 10.64 -5.75
N ALA A 60 5.08 10.90 -6.06
CA ALA A 60 4.56 12.26 -6.04
C ALA A 60 4.70 12.87 -4.64
N ALA A 61 4.27 12.13 -3.62
CA ALA A 61 4.36 12.64 -2.25
C ALA A 61 5.81 12.85 -1.84
N MET A 62 6.71 11.97 -2.30
CA MET A 62 8.13 12.11 -1.99
C MET A 62 8.68 13.42 -2.52
N ARG A 63 8.29 13.80 -3.73
CA ARG A 63 8.75 15.07 -4.29
C ARG A 63 8.19 16.24 -3.49
N VAL A 64 6.88 16.21 -3.22
CA VAL A 64 6.24 17.33 -2.53
C VAL A 64 6.77 17.48 -1.12
N ALA A 65 7.04 16.37 -0.45
CA ALA A 65 7.51 16.41 0.93
C ALA A 65 8.87 17.07 1.09
N GLN A 66 9.59 17.31 0.00
CA GLN A 66 10.87 18.01 0.04
C GLN A 66 10.74 19.52 -0.09
N LEU A 67 9.54 20.04 -0.32
CA LEU A 67 9.32 21.44 -0.66
C LEU A 67 8.70 22.20 0.51
N GLU A 68 9.07 23.48 0.62
CA GLU A 68 8.46 24.34 1.62
C GLU A 68 6.99 24.58 1.31
N GLY A 69 6.17 24.66 2.35
CA GLY A 69 4.74 24.86 2.19
C GLY A 69 3.95 23.62 1.82
N SER A 70 4.57 22.45 1.87
CA SER A 70 3.94 21.17 1.55
C SER A 70 2.84 20.77 2.53
N GLY A 71 2.67 21.48 3.65
CA GLY A 71 1.85 20.97 4.74
C GLY A 71 0.43 20.63 4.33
N GLN A 72 -0.27 21.58 3.70
CA GLN A 72 -1.66 21.33 3.32
C GLN A 72 -1.77 20.22 2.30
N ALA A 73 -0.82 20.16 1.36
CA ALA A 73 -0.81 19.10 0.37
C ALA A 73 -0.63 17.73 1.02
N LEU A 74 0.26 17.66 2.02
CA LEU A 74 0.50 16.40 2.70
C LEU A 74 -0.68 16.01 3.58
N ALA A 75 -1.40 17.00 4.12
CA ALA A 75 -2.61 16.72 4.87
C ALA A 75 -3.68 16.13 3.96
N PHE A 76 -3.88 16.74 2.78
CA PHE A 76 -4.75 16.14 1.77
C PHE A 76 -4.32 14.71 1.45
N TYR A 77 -3.01 14.49 1.33
CA TYR A 77 -2.50 13.17 0.97
C TYR A 77 -2.85 12.14 2.03
N ALA A 78 -2.66 12.49 3.31
CA ALA A 78 -3.06 11.58 4.38
C ALA A 78 -4.55 11.24 4.29
N ALA A 79 -5.38 12.23 3.95
CA ALA A 79 -6.82 12.00 3.91
C ALA A 79 -7.19 11.05 2.78
N GLN A 80 -6.66 11.27 1.58
CA GLN A 80 -7.02 10.39 0.46
C GLN A 80 -6.59 8.95 0.74
N LEU A 81 -5.42 8.77 1.36
CA LEU A 81 -4.94 7.42 1.64
C LEU A 81 -5.83 6.73 2.67
N ALA A 82 -6.28 7.46 3.69
CA ALA A 82 -7.10 6.86 4.73
C ALA A 82 -8.46 6.41 4.19
N PHE A 83 -9.13 7.26 3.41
CA PHE A 83 -10.42 6.85 2.85
C PHE A 83 -10.24 5.79 1.77
N ASN A 84 -9.10 5.79 1.08
CA ASN A 84 -8.77 4.69 0.17
C ASN A 84 -8.70 3.37 0.93
N THR A 85 -8.05 3.39 2.11
CA THR A 85 -7.97 2.19 2.93
C THR A 85 -9.34 1.75 3.44
N LEU A 86 -10.25 2.72 3.61
CA LEU A 86 -11.57 2.42 4.15
C LEU A 86 -12.47 1.72 3.13
N TRP A 87 -12.30 1.99 1.83
CA TRP A 87 -13.31 1.62 0.85
C TRP A 87 -13.46 0.11 0.72
N THR A 88 -12.37 -0.62 0.52
CA THR A 88 -12.48 -2.06 0.26
C THR A 88 -13.21 -2.81 1.37
N PRO A 89 -12.92 -2.61 2.66
CA PRO A 89 -13.73 -3.29 3.67
C PRO A 89 -15.20 -2.93 3.62
N VAL A 90 -15.56 -1.70 3.25
CA VAL A 90 -16.97 -1.32 3.22
C VAL A 90 -17.68 -2.00 2.06
N PHE A 91 -17.06 -2.02 0.89
CA PHE A 91 -17.75 -2.57 -0.28
C PHE A 91 -17.75 -4.10 -0.26
N PHE A 92 -16.57 -4.71 -0.10
CA PHE A 92 -16.45 -6.17 -0.21
C PHE A 92 -16.64 -6.89 1.12
N GLY A 93 -16.23 -6.29 2.23
CA GLY A 93 -16.33 -6.96 3.51
C GLY A 93 -17.71 -6.85 4.11
N MET A 94 -18.23 -5.64 4.23
CA MET A 94 -19.54 -5.42 4.82
C MET A 94 -20.66 -5.39 3.79
N LYS A 95 -20.32 -5.39 2.50
CA LYS A 95 -21.30 -5.40 1.41
C LYS A 95 -22.26 -4.22 1.51
N ARG A 96 -21.77 -3.09 2.02
CA ARG A 96 -22.55 -1.85 2.11
C ARG A 96 -22.27 -1.00 0.88
N MET A 97 -23.04 -1.22 -0.18
CA MET A 97 -22.72 -0.59 -1.46
C MET A 97 -22.96 0.91 -1.41
N ALA A 98 -24.02 1.34 -0.73
CA ALA A 98 -24.31 2.77 -0.68
C ALA A 98 -23.30 3.51 0.18
N THR A 99 -22.98 2.98 1.37
CA THR A 99 -21.96 3.60 2.19
C THR A 99 -20.61 3.62 1.47
N ALA A 100 -20.30 2.55 0.73
CA ALA A 100 -19.05 2.52 -0.02
C ALA A 100 -19.02 3.59 -1.10
N LEU A 101 -20.17 3.90 -1.69
CA LEU A 101 -20.21 4.98 -2.69
C LEU A 101 -19.87 6.31 -2.05
N ALA A 102 -20.41 6.58 -0.86
CA ALA A 102 -20.02 7.78 -0.14
C ALA A 102 -18.53 7.80 0.16
N VAL A 103 -17.97 6.66 0.56
CA VAL A 103 -16.55 6.59 0.89
C VAL A 103 -15.69 6.90 -0.34
N VAL A 104 -15.99 6.26 -1.46
CA VAL A 104 -15.15 6.46 -2.65
C VAL A 104 -15.33 7.87 -3.20
N MET A 105 -16.50 8.49 -3.00
CA MET A 105 -16.64 9.87 -3.43
C MET A 105 -15.83 10.81 -2.53
N VAL A 106 -15.81 10.55 -1.23
CA VAL A 106 -14.94 11.33 -0.34
C VAL A 106 -13.48 11.12 -0.72
N MET A 107 -13.09 9.88 -1.00
CA MET A 107 -11.74 9.62 -1.47
C MET A 107 -11.46 10.39 -2.75
N TRP A 108 -12.41 10.39 -3.69
CA TRP A 108 -12.24 11.12 -4.94
C TRP A 108 -11.94 12.59 -4.67
N LEU A 109 -12.73 13.21 -3.78
CA LEU A 109 -12.53 14.63 -3.47
C LEU A 109 -11.14 14.88 -2.91
N PHE A 110 -10.67 14.00 -2.02
CA PHE A 110 -9.35 14.19 -1.43
C PHE A 110 -8.24 13.88 -2.42
N VAL A 111 -8.48 12.97 -3.37
CA VAL A 111 -7.52 12.74 -4.44
C VAL A 111 -7.43 13.98 -5.32
N ALA A 112 -8.57 14.57 -5.67
CA ALA A 112 -8.56 15.80 -6.46
C ALA A 112 -7.87 16.94 -5.71
N ALA A 113 -8.13 17.05 -4.41
CA ALA A 113 -7.51 18.10 -3.63
C ALA A 113 -6.00 17.90 -3.54
N THR A 114 -5.55 16.67 -3.36
CA THR A 114 -4.11 16.40 -3.31
C THR A 114 -3.44 16.80 -4.62
N MET A 115 -4.01 16.35 -5.75
CA MET A 115 -3.45 16.65 -7.05
C MET A 115 -3.38 18.16 -7.30
N TRP A 116 -4.46 18.86 -6.96
CA TRP A 116 -4.46 20.32 -7.09
C TRP A 116 -3.36 20.94 -6.25
N ALA A 117 -3.29 20.57 -4.96
CA ALA A 117 -2.26 21.14 -4.08
C ALA A 117 -0.86 20.71 -4.53
N PHE A 118 -0.73 19.50 -5.08
CA PHE A 118 0.57 19.08 -5.61
C PHE A 118 0.97 19.94 -6.81
N PHE A 119 0.02 20.19 -7.72
CA PHE A 119 0.29 21.06 -8.86
C PHE A 119 0.74 22.45 -8.42
N GLN A 120 0.23 22.93 -7.28
CA GLN A 120 0.63 24.25 -6.79
C GLN A 120 2.10 24.30 -6.38
N LEU A 121 2.69 23.16 -6.03
CA LEU A 121 4.08 23.12 -5.57
C LEU A 121 5.03 22.54 -6.59
N ASP A 122 4.60 21.59 -7.42
CA ASP A 122 5.48 20.86 -8.31
C ASP A 122 4.63 20.23 -9.40
N THR A 123 4.87 20.63 -10.65
CA THR A 123 4.04 20.15 -11.76
C THR A 123 4.10 18.63 -11.90
N TRP A 124 5.29 18.05 -11.74
CA TRP A 124 5.43 16.61 -11.97
C TRP A 124 4.69 15.80 -10.92
N ALA A 125 4.71 16.24 -9.66
CA ALA A 125 3.93 15.56 -8.63
C ALA A 125 2.44 15.63 -8.94
N GLY A 126 1.98 16.77 -9.47
CA GLY A 126 0.61 16.86 -9.91
C GLY A 126 0.33 15.93 -11.08
N VAL A 127 1.26 15.88 -12.04
CA VAL A 127 1.11 14.99 -13.19
C VAL A 127 1.05 13.53 -12.74
N LEU A 128 1.90 13.16 -11.78
CA LEU A 128 1.91 11.79 -11.29
C LEU A 128 0.57 11.39 -10.68
N PHE A 129 -0.21 12.36 -10.18
CA PHE A 129 -1.51 12.09 -9.59
C PHE A 129 -2.65 12.04 -10.59
N VAL A 130 -2.43 12.53 -11.82
CA VAL A 130 -3.50 12.54 -12.83
C VAL A 130 -4.04 11.14 -13.12
N PRO A 131 -3.21 10.12 -13.37
CA PRO A 131 -3.78 8.78 -13.55
C PRO A 131 -4.50 8.25 -12.32
N TYR A 132 -4.10 8.70 -11.13
CA TYR A 132 -4.82 8.33 -9.91
C TYR A 132 -6.22 8.92 -9.91
N LEU A 133 -6.34 10.22 -10.23
CA LEU A 133 -7.66 10.82 -10.27
C LEU A 133 -8.54 10.17 -11.34
N ILE A 134 -7.94 9.85 -12.50
CA ILE A 134 -8.68 9.13 -13.54
C ILE A 134 -9.17 7.79 -13.02
N TRP A 135 -8.27 7.05 -12.36
CA TRP A 135 -8.67 5.75 -11.81
C TRP A 135 -9.73 5.92 -10.73
N ALA A 136 -9.62 6.98 -9.92
CA ALA A 136 -10.62 7.22 -8.88
C ALA A 136 -11.98 7.52 -9.47
N THR A 137 -12.01 8.25 -10.60
CA THR A 137 -13.29 8.51 -11.28
C THR A 137 -13.88 7.21 -11.80
N PHE A 138 -13.04 6.36 -12.37
CA PHE A 138 -13.48 5.06 -12.86
C PHE A 138 -13.99 4.18 -11.71
N ALA A 139 -13.29 4.21 -10.57
CA ALA A 139 -13.74 3.43 -9.42
C ALA A 139 -15.08 3.91 -8.89
N THR A 140 -15.29 5.22 -8.87
CA THR A 140 -16.57 5.76 -8.41
C THR A 140 -17.70 5.33 -9.33
N GLY A 141 -17.45 5.37 -10.65
CA GLY A 141 -18.46 4.90 -11.59
C GLY A 141 -18.82 3.43 -11.40
N LEU A 142 -17.82 2.59 -11.14
CA LEU A 142 -18.08 1.17 -10.91
C LEU A 142 -18.92 0.95 -9.67
N ASN A 143 -18.61 1.66 -8.58
CA ASN A 143 -19.42 1.56 -7.38
C ASN A 143 -20.83 2.04 -7.64
N PHE A 144 -20.98 3.13 -8.40
CA PHE A 144 -22.30 3.65 -8.72
C PHE A 144 -23.10 2.66 -9.56
N GLU A 145 -22.49 2.10 -10.61
CA GLU A 145 -23.21 1.16 -11.46
C GLU A 145 -23.48 -0.16 -10.74
N ALA A 146 -22.55 -0.63 -9.91
CA ALA A 146 -22.81 -1.85 -9.15
C ALA A 146 -24.06 -1.70 -8.29
N MET A 147 -24.24 -0.53 -7.69
CA MET A 147 -25.42 -0.28 -6.88
C MET A 147 -26.66 -0.13 -7.75
N ARG A 148 -26.53 0.61 -8.85
CA ARG A 148 -27.65 0.85 -9.73
C ARG A 148 -28.13 -0.42 -10.43
N LEU A 149 -27.23 -1.34 -10.75
CA LEU A 149 -27.57 -2.53 -11.52
C LEU A 149 -27.98 -3.74 -10.68
N ASN A 150 -28.06 -3.63 -9.36
CA ASN A 150 -28.30 -4.84 -8.58
C ASN A 150 -29.31 -4.62 -7.46
N TRP A 151 -29.73 -5.74 -6.88
CA TRP A 151 -30.46 -5.72 -5.63
C TRP A 151 -29.54 -5.26 -4.51
N ASN A 152 -30.03 -4.36 -3.68
CA ASN A 152 -29.31 -3.92 -2.49
C ASN A 152 -30.18 -4.18 -1.28
N ARG A 153 -29.64 -4.90 -0.32
CA ARG A 153 -30.33 -5.10 0.94
C ARG A 153 -30.14 -3.87 1.83
N PRO A 154 -31.06 -3.63 2.76
CA PRO A 154 -30.87 -2.52 3.70
C PRO A 154 -29.62 -2.72 4.53
N GLU A 155 -28.91 -1.63 4.76
CA GLU A 155 -27.78 -1.64 5.69
C GLU A 155 -28.28 -1.40 7.10
N ALA A 156 -27.54 -1.92 8.07
CA ALA A 156 -27.88 -1.72 9.47
C ALA A 156 -27.86 -0.24 9.81
N ARG A 157 -28.99 0.25 10.33
CA ARG A 157 -29.13 1.66 10.67
C ARG A 157 -28.14 2.10 11.74
N ASN B 2 -1.15 29.57 17.34
CA ASN B 2 -0.56 28.97 16.15
C ASN B 2 -1.55 28.05 15.46
N MET B 3 -2.82 28.46 15.46
CA MET B 3 -3.93 27.61 15.05
C MET B 3 -4.24 27.83 13.57
N ASP B 4 -3.90 26.85 12.74
CA ASP B 4 -4.22 26.85 11.31
C ASP B 4 -5.44 25.95 11.14
N TRP B 5 -6.60 26.56 10.91
CA TRP B 5 -7.84 25.80 10.92
C TRP B 5 -8.01 24.94 9.68
N ALA B 6 -7.56 25.41 8.52
CA ALA B 6 -7.62 24.57 7.32
C ALA B 6 -6.80 23.30 7.51
N LEU B 7 -5.58 23.43 8.04
CA LEU B 7 -4.75 22.26 8.31
C LEU B 7 -5.41 21.34 9.32
N PHE B 8 -5.83 21.89 10.46
CA PHE B 8 -6.40 21.06 11.52
C PHE B 8 -7.66 20.35 11.06
N LEU B 9 -8.55 21.05 10.35
CA LEU B 9 -9.77 20.41 9.87
C LEU B 9 -9.50 19.37 8.79
N THR B 10 -8.44 19.54 7.99
CA THR B 10 -8.08 18.51 7.02
C THR B 10 -7.63 17.24 7.74
N PHE B 11 -6.77 17.39 8.75
CA PHE B 11 -6.32 16.22 9.52
C PHE B 11 -7.47 15.58 10.28
N LEU B 12 -8.37 16.40 10.85
CA LEU B 12 -9.53 15.84 11.53
C LEU B 12 -10.43 15.09 10.56
N ALA B 13 -10.67 15.67 9.38
CA ALA B 13 -11.47 14.98 8.36
C ALA B 13 -10.82 13.66 7.96
N ALA B 14 -9.49 13.63 7.87
CA ALA B 14 -8.79 12.38 7.59
C ALA B 14 -9.09 11.33 8.66
N CYS B 15 -9.29 11.76 9.91
CA CYS B 15 -9.65 10.83 10.96
C CYS B 15 -11.10 10.35 10.83
N GLY B 16 -11.89 10.95 9.94
CA GLY B 16 -13.22 10.42 9.66
C GLY B 16 -13.19 9.03 9.07
N ALA B 17 -12.08 8.66 8.40
CA ALA B 17 -12.00 7.33 7.81
C ALA B 17 -11.85 6.25 8.88
N PRO B 18 -10.87 6.29 9.79
CA PRO B 18 -10.86 5.29 10.87
C PRO B 18 -12.06 5.41 11.80
N ALA B 19 -12.56 6.62 12.05
CA ALA B 19 -13.76 6.76 12.86
C ALA B 19 -14.92 6.00 12.24
N THR B 20 -14.99 6.00 10.91
CA THR B 20 -16.06 5.30 10.21
C THR B 20 -15.96 3.79 10.40
N THR B 21 -14.74 3.23 10.41
CA THR B 21 -14.61 1.79 10.63
C THR B 21 -15.21 1.39 11.97
N GLY B 22 -15.03 2.22 12.99
CA GLY B 22 -15.60 1.92 14.29
C GLY B 22 -17.11 2.01 14.30
N ALA B 23 -17.67 2.99 13.60
CA ALA B 23 -19.13 3.14 13.59
C ALA B 23 -19.82 2.02 12.84
N LEU B 24 -19.18 1.47 11.79
CA LEU B 24 -19.82 0.45 10.97
C LEU B 24 -19.50 -0.97 11.44
N LEU B 25 -18.69 -1.11 12.49
CA LEU B 25 -18.22 -2.41 12.95
C LEU B 25 -18.14 -2.37 14.48
N LYS B 26 -19.27 -2.15 15.12
CA LYS B 26 -19.27 -2.22 16.57
C LYS B 26 -19.02 -3.67 16.99
N PRO B 27 -18.29 -3.90 18.07
CA PRO B 27 -18.12 -5.27 18.57
C PRO B 27 -19.45 -5.86 19.01
N ASP B 28 -19.72 -7.08 18.55
CA ASP B 28 -20.95 -7.82 18.81
C ASP B 28 -20.65 -8.87 19.90
N GLU B 29 -21.58 -9.81 20.11
CA GLU B 29 -21.22 -10.82 21.08
C GLU B 29 -20.17 -11.83 20.58
N TRP B 30 -19.70 -11.75 19.31
CA TRP B 30 -18.48 -12.49 19.01
C TRP B 30 -17.35 -11.93 19.85
N TYR B 31 -17.31 -10.61 19.99
CA TYR B 31 -16.34 -9.96 20.85
C TYR B 31 -16.64 -10.22 22.31
N ASP B 32 -17.92 -10.20 22.70
CA ASP B 32 -18.24 -10.38 24.12
C ASP B 32 -17.96 -11.81 24.57
N ASN B 33 -18.13 -12.79 23.69
CA ASN B 33 -17.86 -14.19 24.02
C ASN B 33 -16.37 -14.47 24.16
N LEU B 34 -15.50 -13.65 23.56
CA LEU B 34 -14.07 -13.91 23.62
C LEU B 34 -13.58 -13.77 25.06
N ASN B 35 -12.61 -14.62 25.43
CA ASN B 35 -11.98 -14.48 26.73
C ASN B 35 -11.13 -13.22 26.73
N LYS B 36 -11.36 -12.34 27.69
CA LYS B 36 -10.65 -11.07 27.78
C LYS B 36 -9.50 -11.16 28.78
N PRO B 37 -8.44 -10.39 28.57
CA PRO B 37 -7.39 -10.29 29.60
C PRO B 37 -7.98 -9.68 30.88
N TRP B 38 -7.31 -9.95 32.00
CA TRP B 38 -7.84 -9.50 33.28
C TRP B 38 -7.98 -7.98 33.33
N TRP B 39 -7.13 -7.27 32.58
CA TRP B 39 -7.11 -5.82 32.57
C TRP B 39 -7.96 -5.21 31.47
N ASN B 40 -8.83 -5.98 30.83
CA ASN B 40 -9.65 -5.47 29.74
C ASN B 40 -10.52 -4.30 30.20
N PRO B 41 -10.50 -3.17 29.50
CA PRO B 41 -11.36 -2.03 29.86
C PRO B 41 -12.79 -2.25 29.39
N PRO B 42 -13.75 -1.57 30.00
CA PRO B 42 -15.14 -1.63 29.54
C PRO B 42 -15.32 -0.98 28.17
N ARG B 43 -16.47 -1.25 27.56
CA ARG B 43 -16.70 -0.84 26.18
C ARG B 43 -16.69 0.67 26.03
N TRP B 44 -17.19 1.41 27.03
CA TRP B 44 -17.30 2.86 26.88
C TRP B 44 -15.94 3.55 26.83
N VAL B 45 -14.89 2.89 27.28
CA VAL B 45 -13.56 3.51 27.28
C VAL B 45 -13.08 3.75 25.85
N PHE B 46 -13.41 2.85 24.92
CA PHE B 46 -12.81 2.93 23.59
C PHE B 46 -13.29 4.14 22.79
N PRO B 47 -14.59 4.44 22.68
CA PRO B 47 -14.98 5.66 21.95
C PRO B 47 -14.43 6.94 22.58
N LEU B 48 -14.30 6.99 23.92
CA LEU B 48 -13.66 8.12 24.59
C LEU B 48 -12.19 8.24 24.21
N ALA B 49 -11.47 7.13 24.21
CA ALA B 49 -10.04 7.19 23.94
C ALA B 49 -9.78 7.59 22.49
N TRP B 50 -10.50 6.98 21.55
CA TRP B 50 -10.23 7.24 20.15
C TRP B 50 -10.66 8.64 19.74
N THR B 51 -11.77 9.14 20.27
CA THR B 51 -12.19 10.50 19.93
C THR B 51 -11.16 11.52 20.41
N SER B 52 -10.66 11.34 21.64
CA SER B 52 -9.62 12.23 22.14
C SER B 52 -8.35 12.12 21.31
N LEU B 53 -7.96 10.90 20.94
CA LEU B 53 -6.71 10.73 20.21
C LEU B 53 -6.79 11.30 18.80
N TYR B 54 -7.93 11.16 18.14
CA TYR B 54 -8.10 11.75 16.82
C TYR B 54 -7.97 13.27 16.87
N PHE B 55 -8.51 13.89 17.93
CA PHE B 55 -8.36 15.33 18.07
C PHE B 55 -6.92 15.70 18.40
N LEU B 56 -6.28 14.93 19.29
CA LEU B 56 -4.91 15.25 19.70
C LEU B 56 -3.92 15.06 18.56
N MET B 57 -4.03 13.94 17.84
CA MET B 57 -3.10 13.69 16.74
C MET B 57 -3.29 14.70 15.62
N SER B 58 -4.51 15.19 15.43
CA SER B 58 -4.77 16.18 14.38
C SER B 58 -4.22 17.55 14.76
N LEU B 59 -4.31 17.90 16.05
CA LEU B 59 -3.70 19.15 16.51
C LEU B 59 -2.18 19.08 16.38
N ALA B 60 -1.59 17.94 16.77
CA ALA B 60 -0.15 17.76 16.61
C ALA B 60 0.26 17.88 15.15
N ALA B 61 -0.47 17.21 14.26
CA ALA B 61 -0.16 17.26 12.84
C ALA B 61 -0.30 18.67 12.28
N MET B 62 -1.29 19.42 12.76
CA MET B 62 -1.45 20.81 12.32
C MET B 62 -0.23 21.63 12.69
N ARG B 63 0.32 21.45 13.89
CA ARG B 63 1.49 22.20 14.30
C ARG B 63 2.70 21.85 13.44
N VAL B 64 2.94 20.56 13.24
CA VAL B 64 4.12 20.12 12.49
C VAL B 64 4.03 20.53 11.03
N ALA B 65 2.84 20.46 10.44
CA ALA B 65 2.66 20.78 9.02
C ALA B 65 2.97 22.24 8.69
N GLN B 66 3.08 23.11 9.70
CA GLN B 66 3.43 24.51 9.49
C GLN B 66 4.93 24.76 9.44
N LEU B 67 5.76 23.74 9.70
CA LEU B 67 7.18 23.91 9.91
C LEU B 67 7.99 23.41 8.71
N GLU B 68 9.14 24.05 8.48
CA GLU B 68 10.09 23.58 7.48
C GLU B 68 10.70 22.24 7.91
N GLY B 69 10.90 21.36 6.92
CA GLY B 69 11.40 20.02 7.19
C GLY B 69 10.38 19.03 7.68
N SER B 70 9.09 19.40 7.63
CA SER B 70 7.95 18.57 8.03
C SER B 70 7.78 17.31 7.18
N GLY B 71 8.45 17.19 6.03
CA GLY B 71 8.10 16.17 5.07
C GLY B 71 8.10 14.75 5.63
N GLN B 72 9.22 14.36 6.24
CA GLN B 72 9.34 12.99 6.76
C GLN B 72 8.36 12.73 7.89
N ALA B 73 8.14 13.73 8.77
CA ALA B 73 7.20 13.55 9.86
C ALA B 73 5.78 13.31 9.35
N LEU B 74 5.37 14.05 8.31
CA LEU B 74 4.04 13.89 7.76
C LEU B 74 3.91 12.59 6.98
N ALA B 75 5.02 12.10 6.41
CA ALA B 75 5.02 10.79 5.78
C ALA B 75 4.74 9.69 6.80
N PHE B 76 5.44 9.76 7.94
CA PHE B 76 5.14 8.86 9.06
C PHE B 76 3.69 8.99 9.49
N TYR B 77 3.18 10.22 9.55
CA TYR B 77 1.81 10.46 10.00
C TYR B 77 0.82 9.81 9.06
N ALA B 78 1.01 9.99 7.75
CA ALA B 78 0.14 9.32 6.77
C ALA B 78 0.19 7.80 6.97
N ALA B 79 1.36 7.26 7.29
CA ALA B 79 1.50 5.80 7.42
C ALA B 79 0.75 5.27 8.62
N GLN B 80 0.93 5.89 9.80
CA GLN B 80 0.24 5.40 10.99
C GLN B 80 -1.28 5.49 10.81
N LEU B 81 -1.75 6.56 10.16
CA LEU B 81 -3.20 6.74 9.98
C LEU B 81 -3.79 5.66 9.09
N ALA B 82 -3.07 5.27 8.02
CA ALA B 82 -3.58 4.25 7.11
C ALA B 82 -3.71 2.90 7.82
N PHE B 83 -2.68 2.49 8.56
CA PHE B 83 -2.76 1.24 9.31
C PHE B 83 -3.75 1.34 10.46
N ASN B 84 -3.93 2.55 11.00
CA ASN B 84 -5.00 2.77 11.97
C ASN B 84 -6.36 2.48 11.35
N THR B 85 -6.59 2.94 10.12
CA THR B 85 -7.84 2.68 9.42
C THR B 85 -8.00 1.21 9.09
N LEU B 86 -6.89 0.51 8.88
CA LEU B 86 -6.92 -0.89 8.45
C LEU B 86 -7.34 -1.83 9.58
N TRP B 87 -7.06 -1.48 10.83
CA TRP B 87 -7.11 -2.50 11.88
C TRP B 87 -8.51 -3.01 12.15
N THR B 88 -9.48 -2.12 12.39
CA THR B 88 -10.82 -2.58 12.77
C THR B 88 -11.44 -3.54 11.75
N PRO B 89 -11.41 -3.25 10.44
CA PRO B 89 -11.95 -4.23 9.49
C PRO B 89 -11.25 -5.58 9.53
N VAL B 90 -9.95 -5.62 9.83
CA VAL B 90 -9.27 -6.91 9.87
C VAL B 90 -9.69 -7.69 11.10
N PHE B 91 -9.74 -7.04 12.26
CA PHE B 91 -10.05 -7.75 13.50
C PHE B 91 -11.55 -7.97 13.65
N PHE B 92 -12.34 -6.91 13.53
CA PHE B 92 -13.78 -7.02 13.78
C PHE B 92 -14.58 -7.37 12.54
N GLY B 93 -14.13 -6.97 11.36
CA GLY B 93 -14.88 -7.30 10.16
C GLY B 93 -14.61 -8.73 9.71
N MET B 94 -13.34 -9.06 9.48
CA MET B 94 -12.99 -10.39 9.01
C MET B 94 -12.59 -11.36 10.11
N LYS B 95 -12.42 -10.88 11.34
CA LYS B 95 -12.05 -11.73 12.48
C LYS B 95 -10.72 -12.45 12.24
N ARG B 96 -9.81 -11.79 11.50
CA ARG B 96 -8.46 -12.31 11.26
C ARG B 96 -7.55 -11.75 12.34
N MET B 97 -7.53 -12.46 13.48
CA MET B 97 -6.90 -11.88 14.66
C MET B 97 -5.38 -11.82 14.52
N ALA B 98 -4.78 -12.85 13.90
CA ALA B 98 -3.33 -12.86 13.75
C ALA B 98 -2.88 -11.79 12.77
N THR B 99 -3.58 -11.66 11.64
CA THR B 99 -3.26 -10.58 10.71
C THR B 99 -3.44 -9.23 11.37
N ALA B 100 -4.46 -9.09 12.21
CA ALA B 100 -4.69 -7.83 12.91
C ALA B 100 -3.56 -7.49 13.86
N LEU B 101 -2.93 -8.52 14.46
CA LEU B 101 -1.80 -8.26 15.34
C LEU B 101 -0.62 -7.68 14.56
N ALA B 102 -0.36 -8.22 13.37
CA ALA B 102 0.67 -7.64 12.51
C ALA B 102 0.33 -6.19 12.17
N VAL B 103 -0.94 -5.91 11.89
CA VAL B 103 -1.35 -4.56 11.51
C VAL B 103 -1.10 -3.58 12.65
N VAL B 104 -1.54 -3.93 13.86
CA VAL B 104 -1.41 -3.01 14.98
C VAL B 104 0.05 -2.84 15.38
N MET B 105 0.89 -3.86 15.16
CA MET B 105 2.31 -3.71 15.44
C MET B 105 3.00 -2.80 14.44
N VAL B 106 2.64 -2.91 13.16
CA VAL B 106 3.15 -1.98 12.16
C VAL B 106 2.68 -0.56 12.48
N MET B 107 1.39 -0.40 12.81
CA MET B 107 0.88 0.90 13.22
C MET B 107 1.66 1.45 14.41
N TRP B 108 1.93 0.60 15.40
CA TRP B 108 2.69 1.02 16.57
C TRP B 108 4.04 1.60 16.17
N LEU B 109 4.74 0.92 15.26
CA LEU B 109 6.04 1.39 14.82
C LEU B 109 5.92 2.76 14.15
N PHE B 110 4.89 2.97 13.34
CA PHE B 110 4.73 4.25 12.67
C PHE B 110 4.23 5.33 13.63
N VAL B 111 3.47 4.95 14.65
CA VAL B 111 3.11 5.91 15.70
C VAL B 111 4.33 6.36 16.46
N ALA B 112 5.22 5.42 16.80
CA ALA B 112 6.47 5.78 17.49
C ALA B 112 7.36 6.63 16.59
N ALA B 113 7.42 6.30 15.30
CA ALA B 113 8.23 7.09 14.38
C ALA B 113 7.67 8.49 14.21
N THR B 114 6.34 8.62 14.11
CA THR B 114 5.72 9.95 14.01
C THR B 114 6.02 10.77 15.25
N MET B 115 5.85 10.18 16.44
CA MET B 115 6.12 10.90 17.68
C MET B 115 7.56 11.37 17.75
N TRP B 116 8.49 10.47 17.42
CA TRP B 116 9.91 10.84 17.40
C TRP B 116 10.16 11.99 16.43
N ALA B 117 9.64 11.85 15.21
CA ALA B 117 9.84 12.89 14.20
C ALA B 117 9.18 14.20 14.61
N PHE B 118 8.03 14.12 15.29
CA PHE B 118 7.37 15.33 15.78
C PHE B 118 8.22 16.03 16.83
N PHE B 119 8.80 15.27 17.76
CA PHE B 119 9.69 15.85 18.77
C PHE B 119 10.87 16.56 18.14
N GLN B 120 11.35 16.09 16.98
CA GLN B 120 12.47 16.75 16.32
C GLN B 120 12.13 18.16 15.89
N LEU B 121 10.85 18.43 15.60
CA LEU B 121 10.41 19.72 15.08
C LEU B 121 9.65 20.57 16.08
N ASP B 122 8.91 19.97 17.00
CA ASP B 122 8.03 20.72 17.88
C ASP B 122 7.72 19.87 19.11
N THR B 123 8.15 20.33 20.28
CA THR B 123 8.00 19.55 21.50
C THR B 123 6.53 19.24 21.79
N TRP B 124 5.65 20.23 21.59
CA TRP B 124 4.25 20.03 21.95
C TRP B 124 3.58 18.99 21.05
N ALA B 125 3.90 19.00 19.75
CA ALA B 125 3.36 17.99 18.86
C ALA B 125 3.81 16.59 19.27
N GLY B 126 5.06 16.46 19.71
CA GLY B 126 5.52 15.17 20.22
C GLY B 126 4.80 14.76 21.49
N VAL B 127 4.60 15.71 22.41
CA VAL B 127 3.89 15.40 23.66
C VAL B 127 2.47 14.95 23.37
N LEU B 128 1.80 15.61 22.43
CA LEU B 128 0.42 15.25 22.10
C LEU B 128 0.31 13.81 21.58
N PHE B 129 1.40 13.28 21.03
CA PHE B 129 1.43 11.91 20.51
C PHE B 129 1.78 10.87 21.58
N VAL B 130 2.29 11.29 22.74
CA VAL B 130 2.62 10.31 23.79
C VAL B 130 1.41 9.49 24.22
N PRO B 131 0.25 10.09 24.52
CA PRO B 131 -0.91 9.25 24.88
C PRO B 131 -1.34 8.32 23.75
N TYR B 132 -1.10 8.71 22.50
CA TYR B 132 -1.39 7.83 21.38
C TYR B 132 -0.48 6.60 21.39
N LEU B 133 0.82 6.80 21.58
CA LEU B 133 1.73 5.66 21.63
C LEU B 133 1.39 4.73 22.80
N ILE B 134 1.04 5.30 23.95
CA ILE B 134 0.62 4.49 25.09
C ILE B 134 -0.63 3.68 24.74
N TRP B 135 -1.64 4.34 24.18
CA TRP B 135 -2.87 3.64 23.83
C TRP B 135 -2.63 2.59 22.76
N ALA B 136 -1.74 2.88 21.80
CA ALA B 136 -1.41 1.88 20.79
C ALA B 136 -0.71 0.68 21.41
N THR B 137 0.06 0.90 22.48
CA THR B 137 0.66 -0.22 23.20
C THR B 137 -0.42 -1.09 23.83
N PHE B 138 -1.42 -0.47 24.45
CA PHE B 138 -2.51 -1.23 25.03
C PHE B 138 -3.29 -1.97 23.95
N ALA B 139 -3.46 -1.35 22.78
CA ALA B 139 -4.16 -2.01 21.69
C ALA B 139 -3.42 -3.26 21.23
N THR B 140 -2.09 -3.16 21.15
CA THR B 140 -1.29 -4.32 20.74
C THR B 140 -1.41 -5.44 21.76
N GLY B 141 -1.36 -5.10 23.05
CA GLY B 141 -1.55 -6.11 24.08
C GLY B 141 -2.93 -6.75 24.03
N LEU B 142 -3.96 -5.94 23.78
CA LEU B 142 -5.32 -6.48 23.68
C LEU B 142 -5.44 -7.43 22.50
N ASN B 143 -4.85 -7.08 21.37
CA ASN B 143 -4.85 -7.97 20.21
C ASN B 143 -4.10 -9.25 20.51
N PHE B 144 -2.96 -9.15 21.19
CA PHE B 144 -2.18 -10.32 21.55
C PHE B 144 -2.93 -11.21 22.52
N GLU B 145 -3.50 -10.63 23.58
CA GLU B 145 -4.22 -11.40 24.58
C GLU B 145 -5.48 -12.04 23.98
N ALA B 146 -6.16 -11.33 23.07
CA ALA B 146 -7.31 -11.93 22.42
C ALA B 146 -6.92 -13.23 21.73
N MET B 147 -5.73 -13.28 21.13
CA MET B 147 -5.28 -14.52 20.49
C MET B 147 -4.84 -15.56 21.50
N ARG B 148 -4.03 -15.14 22.49
CA ARG B 148 -3.49 -16.11 23.44
C ARG B 148 -4.59 -16.72 24.30
N LEU B 149 -5.63 -15.96 24.63
CA LEU B 149 -6.69 -16.44 25.50
C LEU B 149 -7.83 -17.11 24.74
N ASN B 150 -7.72 -17.23 23.42
CA ASN B 150 -8.75 -17.82 22.57
C ASN B 150 -8.11 -18.65 21.48
N TRP B 151 -7.02 -19.36 21.81
CA TRP B 151 -6.26 -20.10 20.82
C TRP B 151 -7.04 -21.29 20.26
N ASN B 152 -8.03 -21.81 20.99
CA ASN B 152 -8.82 -22.90 20.46
C ASN B 152 -9.81 -22.45 19.39
N ARG B 153 -9.93 -21.15 19.12
CA ARG B 153 -10.79 -20.68 18.04
C ARG B 153 -10.00 -20.62 16.75
N PRO B 154 -10.53 -21.13 15.65
CA PRO B 154 -9.78 -21.09 14.38
C PRO B 154 -9.41 -19.68 13.96
N GLU B 155 -10.25 -18.68 14.25
CA GLU B 155 -9.97 -17.32 13.81
C GLU B 155 -8.83 -16.66 14.56
N ALA B 156 -8.33 -17.27 15.64
CA ALA B 156 -7.21 -16.72 16.38
C ALA B 156 -5.85 -17.18 15.88
N ARG B 157 -5.80 -18.21 15.02
CA ARG B 157 -4.54 -18.83 14.64
C ARG B 157 -4.07 -18.39 13.26
N ASN C 2 24.76 9.39 -25.15
CA ASN C 2 24.96 8.73 -26.43
C ASN C 2 24.49 7.27 -26.40
N MET C 3 24.05 6.77 -27.55
CA MET C 3 23.48 5.43 -27.66
C MET C 3 24.59 4.45 -28.02
N ASP C 4 24.96 3.59 -27.07
CA ASP C 4 25.98 2.57 -27.30
C ASP C 4 25.26 1.26 -27.61
N TRP C 5 25.27 0.87 -28.88
CA TRP C 5 24.49 -0.28 -29.30
C TRP C 5 25.14 -1.59 -28.86
N ALA C 6 26.47 -1.65 -28.87
CA ALA C 6 27.16 -2.84 -28.37
C ALA C 6 26.83 -3.08 -26.90
N LEU C 7 26.86 -2.02 -26.09
CA LEU C 7 26.50 -2.13 -24.68
C LEU C 7 25.06 -2.56 -24.51
N PHE C 8 24.13 -1.86 -25.16
CA PHE C 8 22.71 -2.14 -24.97
C PHE C 8 22.37 -3.57 -25.37
N LEU C 9 22.87 -4.01 -26.53
CA LEU C 9 22.56 -5.36 -27.00
C LEU C 9 23.17 -6.42 -26.10
N THR C 10 24.32 -6.15 -25.49
CA THR C 10 24.89 -7.11 -24.54
C THR C 10 24.02 -7.24 -23.30
N PHE C 11 23.55 -6.12 -22.75
CA PHE C 11 22.64 -6.19 -21.62
C PHE C 11 21.33 -6.87 -22.01
N LEU C 12 20.85 -6.59 -23.22
CA LEU C 12 19.64 -7.25 -23.71
C LEU C 12 19.87 -8.75 -23.86
N ALA C 13 21.03 -9.14 -24.41
CA ALA C 13 21.35 -10.56 -24.52
C ALA C 13 21.38 -11.23 -23.15
N ALA C 14 21.87 -10.52 -22.13
CA ALA C 14 21.88 -11.09 -20.79
C ALA C 14 20.47 -11.45 -20.32
N CYS C 15 19.46 -10.68 -20.76
CA CYS C 15 18.09 -10.99 -20.37
C CYS C 15 17.54 -12.20 -21.12
N GLY C 16 18.26 -12.73 -22.10
CA GLY C 16 17.88 -13.99 -22.70
C GLY C 16 17.89 -15.16 -21.74
N ALA C 17 18.68 -15.07 -20.67
CA ALA C 17 18.69 -16.16 -19.69
C ALA C 17 17.39 -16.22 -18.89
N PRO C 18 16.92 -15.14 -18.23
CA PRO C 18 15.59 -15.24 -17.60
C PRO C 18 14.47 -15.43 -18.61
N ALA C 19 14.60 -14.84 -19.80
CA ALA C 19 13.60 -15.06 -20.85
C ALA C 19 13.50 -16.53 -21.25
N THR C 20 14.63 -17.24 -21.22
CA THR C 20 14.66 -18.66 -21.61
C THR C 20 13.79 -19.51 -20.72
N THR C 21 13.72 -19.16 -19.42
CA THR C 21 12.89 -19.89 -18.47
C THR C 21 11.45 -20.02 -18.93
N GLY C 22 10.94 -19.04 -19.68
CA GLY C 22 9.57 -19.12 -20.16
C GLY C 22 9.33 -20.29 -21.10
N ALA C 23 10.33 -20.62 -21.92
CA ALA C 23 10.22 -21.74 -22.84
C ALA C 23 10.10 -23.07 -22.11
N LEU C 24 10.59 -23.16 -20.88
CA LEU C 24 10.63 -24.38 -20.08
C LEU C 24 9.37 -24.60 -19.23
N LEU C 25 8.29 -23.85 -19.46
CA LEU C 25 7.13 -23.83 -18.57
C LEU C 25 5.93 -24.52 -19.22
N LYS C 26 5.54 -25.67 -18.66
CA LYS C 26 4.32 -26.37 -19.07
C LYS C 26 3.06 -25.69 -18.53
N PRO C 27 1.97 -25.68 -19.31
CA PRO C 27 0.66 -25.34 -18.76
C PRO C 27 0.17 -26.42 -17.81
N ASP C 28 -0.51 -26.01 -16.73
CA ASP C 28 -0.93 -26.99 -15.74
C ASP C 28 -2.36 -27.46 -16.02
N GLU C 29 -2.67 -28.64 -15.49
CA GLU C 29 -3.96 -29.30 -15.68
C GLU C 29 -5.09 -28.60 -14.91
N TRP C 30 -6.31 -29.06 -15.14
CA TRP C 30 -7.50 -28.48 -14.47
C TRP C 30 -7.45 -28.76 -12.97
N TYR C 31 -6.87 -29.90 -12.59
CA TYR C 31 -6.75 -30.29 -11.16
C TYR C 31 -5.89 -29.26 -10.41
N ASP C 32 -4.83 -28.75 -11.05
CA ASP C 32 -3.84 -27.84 -10.40
C ASP C 32 -4.41 -26.44 -10.12
N ASN C 33 -5.57 -26.07 -10.67
CA ASN C 33 -6.07 -24.68 -10.57
C ASN C 33 -6.28 -24.24 -9.12
N LEU C 34 -6.80 -25.10 -8.24
CA LEU C 34 -6.97 -24.76 -6.80
C LEU C 34 -5.69 -24.19 -6.17
N ASN C 35 -4.51 -24.41 -6.75
CA ASN C 35 -3.27 -23.94 -6.14
C ASN C 35 -2.97 -22.47 -6.44
N LYS C 36 -3.26 -22.02 -7.66
CA LYS C 36 -2.90 -20.66 -8.05
C LYS C 36 -3.71 -19.62 -7.28
N PRO C 37 -3.16 -18.42 -7.05
CA PRO C 37 -3.96 -17.35 -6.43
C PRO C 37 -5.13 -16.97 -7.31
N TRP C 38 -6.21 -16.51 -6.66
CA TRP C 38 -7.43 -16.19 -7.40
C TRP C 38 -7.27 -14.97 -8.30
N TRP C 39 -6.45 -14.00 -7.89
CA TRP C 39 -6.27 -12.78 -8.68
C TRP C 39 -5.07 -12.86 -9.61
N ASN C 40 -4.55 -14.07 -9.80
CA ASN C 40 -3.43 -14.26 -10.72
C ASN C 40 -3.84 -13.78 -12.12
N PRO C 41 -3.03 -12.98 -12.78
CA PRO C 41 -3.38 -12.50 -14.12
C PRO C 41 -3.28 -13.63 -15.12
N PRO C 42 -3.89 -13.50 -16.30
CA PRO C 42 -3.73 -14.55 -17.31
C PRO C 42 -2.27 -14.67 -17.73
N ARG C 43 -1.95 -15.83 -18.31
CA ARG C 43 -0.56 -16.17 -18.56
C ARG C 43 0.11 -15.23 -19.57
N TRP C 44 -0.66 -14.72 -20.54
CA TRP C 44 -0.07 -13.91 -21.60
C TRP C 44 0.44 -12.57 -21.09
N VAL C 45 -0.02 -12.12 -19.93
CA VAL C 45 0.42 -10.82 -19.42
C VAL C 45 1.91 -10.86 -19.08
N PHE C 46 2.39 -12.01 -18.60
CA PHE C 46 3.76 -12.07 -18.07
C PHE C 46 4.81 -11.83 -19.15
N PRO C 47 4.78 -12.51 -20.31
CA PRO C 47 5.79 -12.19 -21.34
C PRO C 47 5.71 -10.76 -21.82
N LEU C 48 4.52 -10.17 -21.84
CA LEU C 48 4.39 -8.77 -22.20
C LEU C 48 5.13 -7.89 -21.20
N ALA C 49 4.95 -8.16 -19.91
CA ALA C 49 5.58 -7.33 -18.88
C ALA C 49 7.10 -7.52 -18.89
N TRP C 50 7.56 -8.78 -18.94
CA TRP C 50 8.99 -9.03 -18.84
C TRP C 50 9.75 -8.52 -20.06
N THR C 51 9.18 -8.69 -21.25
CA THR C 51 9.84 -8.19 -22.45
C THR C 51 9.99 -6.68 -22.40
N SER C 52 8.95 -5.97 -21.95
CA SER C 52 9.05 -4.53 -21.79
C SER C 52 10.13 -4.17 -20.78
N LEU C 53 10.21 -4.91 -19.66
CA LEU C 53 11.18 -4.61 -18.63
C LEU C 53 12.60 -4.93 -19.09
N TYR C 54 12.76 -6.02 -19.85
CA TYR C 54 14.09 -6.36 -20.36
C TYR C 54 14.65 -5.23 -21.20
N PHE C 55 13.81 -4.62 -22.03
CA PHE C 55 14.27 -3.48 -22.83
C PHE C 55 14.54 -2.27 -21.95
N LEU C 56 13.67 -2.02 -20.97
CA LEU C 56 13.84 -0.84 -20.14
C LEU C 56 15.09 -0.96 -19.26
N MET C 57 15.27 -2.10 -18.60
CA MET C 57 16.43 -2.25 -17.72
C MET C 57 17.73 -2.27 -18.51
N SER C 58 17.70 -2.78 -19.74
CA SER C 58 18.91 -2.83 -20.56
C SER C 58 19.30 -1.45 -21.06
N LEU C 59 18.31 -0.62 -21.41
CA LEU C 59 18.59 0.76 -21.77
C LEU C 59 19.13 1.54 -20.57
N ALA C 60 18.53 1.33 -19.40
CA ALA C 60 19.04 1.97 -18.19
C ALA C 60 20.48 1.56 -17.92
N ALA C 61 20.77 0.26 -18.00
CA ALA C 61 22.12 -0.21 -17.74
C ALA C 61 23.11 0.35 -18.75
N MET C 62 22.70 0.47 -20.02
CA MET C 62 23.57 1.04 -21.03
C MET C 62 23.98 2.47 -20.69
N ARG C 63 23.02 3.27 -20.22
CA ARG C 63 23.34 4.65 -19.85
C ARG C 63 24.29 4.70 -18.67
N VAL C 64 24.02 3.89 -17.65
CA VAL C 64 24.85 3.89 -16.44
C VAL C 64 26.26 3.39 -16.77
N ALA C 65 26.38 2.37 -17.61
CA ALA C 65 27.66 1.77 -17.93
C ALA C 65 28.59 2.73 -18.68
N GLN C 66 28.06 3.83 -19.20
CA GLN C 66 28.90 4.84 -19.86
C GLN C 66 29.45 5.88 -18.90
N LEU C 67 29.06 5.87 -17.64
CA LEU C 67 29.36 6.95 -16.70
C LEU C 67 30.41 6.52 -15.69
N GLU C 68 31.23 7.49 -15.29
CA GLU C 68 32.24 7.26 -14.25
C GLU C 68 31.57 6.93 -12.92
N GLY C 69 32.16 6.00 -12.17
CA GLY C 69 31.57 5.57 -10.92
C GLY C 69 30.45 4.56 -11.04
N SER C 70 30.25 3.98 -12.23
CA SER C 70 29.21 2.98 -12.49
C SER C 70 29.40 1.67 -11.73
N GLY C 71 30.57 1.44 -11.11
CA GLY C 71 30.89 0.10 -10.64
C GLY C 71 29.87 -0.49 -9.70
N GLN C 72 29.50 0.25 -8.64
CA GLN C 72 28.57 -0.28 -7.65
C GLN C 72 27.19 -0.51 -8.26
N ALA C 73 26.75 0.39 -9.11
CA ALA C 73 25.44 0.25 -9.76
C ALA C 73 25.38 -1.00 -10.63
N LEU C 74 26.45 -1.26 -11.39
CA LEU C 74 26.48 -2.42 -12.26
C LEU C 74 26.61 -3.72 -11.47
N ALA C 75 27.27 -3.66 -10.30
CA ALA C 75 27.29 -4.83 -9.44
C ALA C 75 25.89 -5.14 -8.92
N PHE C 76 25.17 -4.12 -8.44
CA PHE C 76 23.77 -4.32 -8.09
C PHE C 76 22.99 -4.86 -9.28
N TYR C 77 23.24 -4.34 -10.48
CA TYR C 77 22.51 -4.78 -11.66
C TYR C 77 22.76 -6.26 -11.92
N ALA C 78 24.01 -6.69 -11.85
CA ALA C 78 24.31 -8.11 -12.00
C ALA C 78 23.54 -8.94 -10.99
N ALA C 79 23.44 -8.45 -9.74
CA ALA C 79 22.79 -9.20 -8.68
C ALA C 79 21.29 -9.35 -8.93
N GLN C 80 20.61 -8.25 -9.27
CA GLN C 80 19.17 -8.35 -9.49
C GLN C 80 18.88 -9.28 -10.67
N LEU C 81 19.70 -9.22 -11.71
CA LEU C 81 19.48 -10.06 -12.88
C LEU C 81 19.65 -11.55 -12.54
N ALA C 82 20.66 -11.86 -11.71
CA ALA C 82 20.91 -13.26 -11.36
C ALA C 82 19.77 -13.83 -10.52
N PHE C 83 19.31 -13.09 -9.50
CA PHE C 83 18.19 -13.55 -8.70
C PHE C 83 16.88 -13.54 -9.48
N ASN C 84 16.74 -12.63 -10.45
CA ASN C 84 15.62 -12.69 -11.37
C ASN C 84 15.65 -14.00 -12.17
N THR C 85 16.83 -14.37 -12.66
CA THR C 85 16.97 -15.61 -13.41
C THR C 85 16.74 -16.83 -12.53
N LEU C 86 17.07 -16.73 -11.24
CA LEU C 86 16.88 -17.86 -10.34
C LEU C 86 15.41 -18.07 -10.01
N TRP C 87 14.65 -16.97 -9.88
CA TRP C 87 13.29 -17.05 -9.38
C TRP C 87 12.38 -17.76 -10.37
N THR C 88 12.48 -17.39 -11.65
CA THR C 88 11.54 -17.88 -12.66
C THR C 88 11.42 -19.39 -12.70
N PRO C 89 12.49 -20.19 -12.77
CA PRO C 89 12.31 -21.65 -12.71
C PRO C 89 11.76 -22.12 -11.38
N VAL C 90 12.14 -21.48 -10.28
CA VAL C 90 11.74 -21.97 -8.96
C VAL C 90 10.26 -21.71 -8.71
N PHE C 91 9.77 -20.52 -9.07
CA PHE C 91 8.39 -20.16 -8.77
C PHE C 91 7.40 -20.79 -9.75
N PHE C 92 7.65 -20.63 -11.05
CA PHE C 92 6.71 -21.12 -12.06
C PHE C 92 7.00 -22.54 -12.53
N GLY C 93 8.27 -22.95 -12.58
CA GLY C 93 8.65 -24.27 -13.05
C GLY C 93 8.61 -25.40 -12.03
N MET C 94 9.33 -25.26 -10.91
CA MET C 94 9.44 -26.29 -9.89
C MET C 94 8.42 -26.17 -8.77
N LYS C 95 7.67 -25.07 -8.70
CA LYS C 95 6.60 -24.87 -7.73
C LYS C 95 7.09 -24.95 -6.28
N ARG C 96 8.33 -24.53 -6.01
CA ARG C 96 8.84 -24.46 -4.64
C ARG C 96 8.52 -23.07 -4.13
N MET C 97 7.31 -22.93 -3.56
CA MET C 97 6.73 -21.61 -3.31
C MET C 97 7.44 -20.87 -2.17
N ALA C 98 7.84 -21.58 -1.11
CA ALA C 98 8.47 -20.89 0.01
C ALA C 98 9.88 -20.42 -0.36
N THR C 99 10.66 -21.29 -1.00
CA THR C 99 11.98 -20.89 -1.47
C THR C 99 11.90 -19.77 -2.51
N ALA C 100 10.90 -19.84 -3.39
CA ALA C 100 10.74 -18.79 -4.40
C ALA C 100 10.41 -17.44 -3.78
N LEU C 101 9.67 -17.44 -2.67
CA LEU C 101 9.38 -16.17 -2.00
C LEU C 101 10.65 -15.54 -1.45
N ALA C 102 11.54 -16.34 -0.87
CA ALA C 102 12.82 -15.81 -0.43
C ALA C 102 13.60 -15.23 -1.60
N VAL C 103 13.61 -15.92 -2.74
CA VAL C 103 14.36 -15.46 -3.91
C VAL C 103 13.82 -14.13 -4.42
N VAL C 104 12.49 -14.04 -4.57
CA VAL C 104 11.88 -12.85 -5.18
C VAL C 104 12.03 -11.64 -4.26
N MET C 105 12.08 -11.84 -2.93
CA MET C 105 12.35 -10.74 -1.99
C MET C 105 13.79 -10.28 -2.07
N VAL C 106 14.74 -11.22 -2.20
CA VAL C 106 16.13 -10.80 -2.45
C VAL C 106 16.22 -10.06 -3.78
N MET C 107 15.55 -10.59 -4.81
CA MET C 107 15.48 -9.89 -6.09
C MET C 107 14.92 -8.49 -5.91
N TRP C 108 13.82 -8.36 -5.14
CA TRP C 108 13.23 -7.06 -4.88
C TRP C 108 14.25 -6.10 -4.28
N LEU C 109 15.01 -6.55 -3.28
CA LEU C 109 16.00 -5.68 -2.65
C LEU C 109 17.07 -5.23 -3.65
N PHE C 110 17.52 -6.14 -4.50
CA PHE C 110 18.55 -5.78 -5.47
C PHE C 110 17.99 -4.91 -6.60
N VAL C 111 16.71 -5.07 -6.95
CA VAL C 111 16.10 -4.15 -7.92
C VAL C 111 16.03 -2.76 -7.35
N ALA C 112 15.61 -2.65 -6.08
CA ALA C 112 15.58 -1.36 -5.42
C ALA C 112 16.97 -0.78 -5.27
N ALA C 113 17.95 -1.62 -4.92
CA ALA C 113 19.32 -1.16 -4.77
C ALA C 113 19.87 -0.67 -6.11
N THR C 114 19.57 -1.40 -7.20
CA THR C 114 19.98 -0.96 -8.52
C THR C 114 19.33 0.38 -8.88
N MET C 115 18.03 0.51 -8.62
CA MET C 115 17.35 1.77 -8.91
C MET C 115 17.95 2.92 -8.13
N TRP C 116 18.22 2.69 -6.84
CA TRP C 116 18.87 3.70 -6.02
C TRP C 116 20.22 4.11 -6.60
N ALA C 117 21.07 3.13 -6.90
CA ALA C 117 22.39 3.42 -7.46
C ALA C 117 22.29 4.04 -8.86
N PHE C 118 21.27 3.66 -9.64
CA PHE C 118 21.10 4.25 -10.96
C PHE C 118 20.70 5.72 -10.86
N PHE C 119 19.75 6.04 -9.97
CA PHE C 119 19.35 7.43 -9.77
C PHE C 119 20.53 8.31 -9.34
N GLN C 120 21.46 7.76 -8.55
CA GLN C 120 22.64 8.51 -8.12
C GLN C 120 23.54 8.90 -9.28
N LEU C 121 23.48 8.17 -10.39
CA LEU C 121 24.35 8.43 -11.54
C LEU C 121 23.63 9.12 -12.68
N ASP C 122 22.35 8.82 -12.90
CA ASP C 122 21.63 9.28 -14.08
C ASP C 122 20.14 9.18 -13.78
N THR C 123 19.45 10.32 -13.78
CA THR C 123 18.05 10.34 -13.42
C THR C 123 17.21 9.47 -14.35
N TRP C 124 17.52 9.49 -15.65
CA TRP C 124 16.71 8.73 -16.60
C TRP C 124 16.89 7.22 -16.42
N ALA C 125 18.11 6.76 -16.13
CA ALA C 125 18.31 5.35 -15.85
C ALA C 125 17.54 4.93 -14.61
N GLY C 126 17.47 5.80 -13.59
CA GLY C 126 16.63 5.52 -12.44
C GLY C 126 15.16 5.47 -12.78
N VAL C 127 14.70 6.43 -13.60
CA VAL C 127 13.29 6.46 -13.99
C VAL C 127 12.92 5.18 -14.74
N LEU C 128 13.79 4.73 -15.64
CA LEU C 128 13.54 3.51 -16.39
C LEU C 128 13.39 2.31 -15.48
N PHE C 129 13.98 2.36 -14.28
CA PHE C 129 13.88 1.25 -13.35
C PHE C 129 12.60 1.27 -12.52
N VAL C 130 11.87 2.39 -12.48
CA VAL C 130 10.64 2.43 -11.69
C VAL C 130 9.63 1.37 -12.13
N PRO C 131 9.33 1.18 -13.42
CA PRO C 131 8.39 0.11 -13.78
C PRO C 131 8.85 -1.28 -13.37
N TYR C 132 10.17 -1.50 -13.32
CA TYR C 132 10.70 -2.78 -12.84
C TYR C 132 10.39 -2.96 -11.36
N LEU C 133 10.63 -1.93 -10.54
CA LEU C 133 10.34 -2.06 -9.12
C LEU C 133 8.85 -2.28 -8.87
N ILE C 134 7.98 -1.64 -9.68
CA ILE C 134 6.55 -1.90 -9.58
C ILE C 134 6.24 -3.37 -9.84
N TRP C 135 6.77 -3.91 -10.94
CA TRP C 135 6.48 -5.30 -11.28
C TRP C 135 7.05 -6.26 -10.26
N ALA C 136 8.24 -5.98 -9.71
CA ALA C 136 8.82 -6.85 -8.70
C ALA C 136 7.98 -6.83 -7.42
N THR C 137 7.41 -5.67 -7.09
CA THR C 137 6.50 -5.61 -5.95
C THR C 137 5.25 -6.44 -6.19
N PHE C 138 4.69 -6.34 -7.40
CA PHE C 138 3.50 -7.12 -7.75
C PHE C 138 3.81 -8.61 -7.75
N ALA C 139 4.98 -9.00 -8.27
CA ALA C 139 5.39 -10.40 -8.27
C ALA C 139 5.57 -10.94 -6.85
N THR C 140 6.14 -10.11 -5.96
CA THR C 140 6.36 -10.55 -4.59
C THR C 140 5.02 -10.79 -3.89
N GLY C 141 4.04 -9.92 -4.12
CA GLY C 141 2.72 -10.14 -3.55
C GLY C 141 2.08 -11.42 -4.07
N LEU C 142 2.23 -11.69 -5.37
CA LEU C 142 1.69 -12.93 -5.93
C LEU C 142 2.36 -14.16 -5.31
N ASN C 143 3.68 -14.12 -5.16
CA ASN C 143 4.41 -15.21 -4.52
C ASN C 143 3.98 -15.37 -3.06
N PHE C 144 3.76 -14.24 -2.36
CA PHE C 144 3.35 -14.31 -0.97
C PHE C 144 2.00 -15.01 -0.84
N GLU C 145 1.05 -14.64 -1.70
CA GLU C 145 -0.26 -15.29 -1.65
C GLU C 145 -0.16 -16.74 -2.11
N ALA C 146 0.63 -17.02 -3.15
CA ALA C 146 0.82 -18.40 -3.59
C ALA C 146 1.43 -19.25 -2.49
N MET C 147 2.32 -18.66 -1.69
CA MET C 147 2.93 -19.39 -0.58
C MET C 147 1.91 -19.67 0.51
N ARG C 148 1.00 -18.71 0.76
CA ARG C 148 0.01 -18.85 1.82
C ARG C 148 -0.87 -20.08 1.61
N LEU C 149 -1.02 -20.53 0.36
CA LEU C 149 -1.87 -21.68 0.06
C LEU C 149 -1.15 -23.00 0.24
N ASN C 150 0.11 -22.97 0.69
CA ASN C 150 0.95 -24.15 0.93
C ASN C 150 0.71 -25.29 -0.05
C18 OLC D . -4.51 3.33 -13.95
C10 OLC D . 4.31 3.14 -15.36
C9 OLC D . 5.47 3.84 -15.30
C17 OLC D . -3.22 2.63 -14.35
C11 OLC D . 3.05 3.58 -14.64
C8 OLC D . 5.61 5.12 -14.51
C24 OLC D . 13.74 12.76 -9.85
C16 OLC D . -2.07 3.15 -13.51
C12 OLC D . 2.26 4.58 -15.47
C7 OLC D . 7.07 5.52 -14.41
C15 OLC D . -1.27 4.17 -14.31
C13 OLC D . 0.81 4.17 -15.65
C6 OLC D . 7.18 6.98 -14.01
C14 OLC D . 0.19 3.78 -14.32
C5 OLC D . 8.16 7.12 -12.86
C4 OLC D . 8.35 8.58 -12.51
C3 OLC D . 9.47 8.71 -11.50
C2 OLC D . 9.63 10.15 -11.05
C21 OLC D . 11.95 11.60 -8.58
C1 OLC D . 10.84 10.24 -10.13
C22 OLC D . 13.35 12.16 -8.52
O19 OLC D . 11.24 9.25 -9.57
O25 OLC D . 14.34 14.02 -9.64
O23 OLC D . 13.38 13.18 -7.54
O20 OLC D . 11.50 11.46 -9.91
C18 OLC E . 13.45 6.71 7.60
C10 OLC E . 10.40 -0.82 3.53
C9 OLC E . 9.86 -1.44 2.45
C17 OLC E . 13.29 5.25 7.21
C11 OLC E . 9.66 0.25 4.30
C8 OLC E . 8.48 -1.11 1.94
C24 OLC E . 0.58 -6.58 -3.93
C16 OLC E . 11.87 4.97 6.81
C12 OLC E . 10.62 0.89 5.29
C7 OLC E . 8.10 -2.14 0.90
C15 OLC E . 11.69 3.49 6.51
C13 OLC E . 9.87 1.81 6.23
C6 OLC E . 6.90 -1.68 0.10
C14 OLC E . 10.29 3.25 5.99
C5 OLC E . 5.64 -1.85 0.94
C4 OLC E . 4.59 -2.60 0.15
C3 OLC E . 4.09 -1.73 -0.99
C2 OLC E . 2.58 -1.86 -1.07
C21 OLC E . 2.01 -4.89 -2.84
C1 OLC E . 2.19 -2.60 -2.34
C22 OLC E . 1.25 -5.25 -4.10
O19 OLC E . 2.56 -2.18 -3.42
O25 OLC E . -0.26 -6.77 -5.05
O23 OLC E . 0.26 -4.28 -4.34
O20 OLC E . 1.41 -3.76 -2.27
C24 OLC F . -10.90 -8.24 -21.48
C3 OLC F . -4.99 -5.01 -19.28
C2 OLC F . -5.89 -5.43 -20.41
C21 OLC F . -9.36 -6.65 -20.34
C1 OLC F . -7.34 -5.47 -19.94
C22 OLC F . -9.90 -8.07 -20.36
O19 OLC F . -7.88 -4.45 -19.60
O25 OLC F . -11.17 -9.61 -21.66
O23 OLC F . -8.85 -8.99 -20.53
O20 OLC F . -8.02 -6.70 -19.89
C24 OLC G . -13.13 -5.06 -20.13
C3 OLC G . -8.28 -1.70 -18.08
C2 OLC G . -9.56 -1.01 -17.69
C21 OLC G . -11.53 -3.46 -19.13
C1 OLC G . -10.64 -1.33 -18.69
C22 OLC G . -12.39 -3.76 -20.34
O19 OLC G . -11.59 -0.58 -18.82
O25 OLC G . -13.95 -5.31 -21.25
O23 OLC G . -13.32 -2.72 -20.50
O20 OLC G . -10.57 -2.49 -19.47
C18 OLC H . -17.94 9.46 11.83
C10 OLC H . -15.55 14.73 4.97
C9 OLC H . -15.94 15.98 4.61
C17 OLC H . -18.48 9.22 10.43
C11 OLC H . -16.11 14.13 6.25
C8 OLC H . -15.41 16.62 3.35
C24 OLC H . -7.86 23.91 0.75
C16 OLC H . -18.44 10.50 9.63
C12 OLC H . -15.43 12.80 6.52
C7 OLC H . -14.10 17.32 3.64
C15 OLC H . -17.09 10.66 8.98
C13 OLC H . -16.46 11.73 6.85
C6 OLC H . -14.35 18.55 4.49
C14 OLC H . -17.02 11.97 8.23
C5 OLC H . -13.19 18.72 5.46
C4 OLC H . -12.60 20.10 5.33
C3 OLC H . -11.35 20.06 4.49
C2 OLC H . -10.43 21.18 4.91
C21 OLC H . -9.12 24.04 2.87
C1 OLC H . -10.22 22.14 3.76
C22 OLC H . -7.80 24.35 2.18
O19 OLC H . -11.11 22.30 2.95
O25 OLC H . -6.79 24.48 0.03
O23 OLC H . -7.56 25.74 2.22
O20 OLC H . -9.01 22.83 3.60
C18 OLC I . 9.86 3.04 11.32
C10 OLC I . 5.37 -1.80 5.58
C9 OLC I . 4.48 -2.32 4.73
C17 OLC I . 8.72 2.06 11.15
C11 OLC I . 6.40 -2.66 6.29
C8 OLC I . 4.46 -3.81 4.42
C24 OLC I . -2.10 -10.02 4.57
C16 OLC I . 8.82 1.37 9.82
C12 OLC I . 6.51 -2.24 7.73
C7 OLC I . 3.03 -4.25 4.18
C15 OLC I . 8.44 -0.08 9.96
C13 OLC I . 7.41 -1.03 7.89
C6 OLC I . 2.58 -5.14 5.32
C14 OLC I . 7.14 -0.37 9.23
C5 OLC I . 2.44 -4.32 6.59
C4 OLC I . 1.49 -5.01 7.54
C3 OLC I . 0.19 -5.31 6.84
C2 OLC I . -0.50 -6.47 7.51
C21 OLC I . 0.00 -8.74 4.95
C1 OLC I . 0.13 -7.78 7.08
C22 OLC I . -0.65 -9.85 4.17
O19 OLC I . 1.24 -8.08 7.47
O25 OLC I . -2.64 -11.08 3.82
O23 OLC I . -0.59 -9.57 2.78
O20 OLC I . -0.56 -8.67 6.24
C24 OLC J . -1.49 -19.22 22.89
C5 OLC J . 3.09 -14.19 18.28
C4 OLC J . 1.74 -14.61 17.71
C3 OLC J . 0.71 -14.62 18.81
C2 OLC J . 1.20 -15.47 19.96
C21 OLC J . -0.11 -18.64 20.93
C1 OLC J . 0.07 -16.33 20.47
C22 OLC J . -0.24 -19.56 22.11
O19 OLC J . -1.08 -16.10 20.11
O25 OLC J . -1.58 -20.03 24.03
O23 OLC J . -0.32 -20.90 21.68
O20 OLC J . 0.32 -17.38 21.37
CHA HEM K . -14.58 1.16 19.51
CHB HEM K . -10.83 1.96 16.47
CHC HEM K . -8.23 -1.40 18.84
CHD HEM K . -12.38 -2.98 20.79
C1A HEM K . -13.74 1.77 18.58
C2A HEM K . -13.92 3.06 17.96
C3A HEM K . -12.90 3.28 17.13
C4A HEM K . -12.01 2.13 17.18
CMA HEM K . -12.69 4.55 16.27
CAA HEM K . -15.09 4.04 18.22
CBA HEM K . -16.32 3.73 17.39
CGA HEM K . -17.27 4.88 17.56
O1A HEM K . -16.89 5.85 18.27
O2A HEM K . -18.40 4.83 17.00
C1B HEM K . -9.79 1.14 16.85
C2B HEM K . -8.46 1.10 16.26
C3B HEM K . -7.75 0.17 16.92
C4B HEM K . -8.59 -0.41 17.94
CMB HEM K . -8.02 2.00 15.09
CAB HEM K . -6.28 -0.30 16.73
CBB HEM K . -5.42 0.23 15.86
C1C HEM K . -9.14 -2.17 19.54
C2C HEM K . -8.85 -3.41 20.25
C3C HEM K . -10.00 -3.83 20.81
C4C HEM K . -11.05 -2.90 20.43
CMC HEM K . -7.44 -4.04 20.35
CAC HEM K . -10.27 -5.10 21.66
CBC HEM K . -9.58 -6.24 21.51
C1D HEM K . -13.28 -1.94 20.75
C2D HEM K . -14.46 -1.78 21.58
C3D HEM K . -15.08 -0.64 21.23
C4D HEM K . -14.32 -0.03 20.16
CMD HEM K . -14.91 -2.77 22.68
CAD HEM K . -16.37 -0.10 21.90
CBD HEM K . -17.59 -0.33 21.02
CGD HEM K . -18.82 0.18 21.71
O1D HEM K . -19.47 -0.60 22.46
O2D HEM K . -19.16 1.38 21.53
NA HEM K . -12.56 1.24 18.08
NB HEM K . -9.82 0.21 17.87
NC HEM K . -10.48 -1.90 19.67
ND HEM K . -13.23 -0.85 19.90
FE HEM K . -11.51 -0.34 18.86
C18 OLC L . 23.83 -18.96 -0.16
C10 OLC L . 27.67 -12.15 1.45
C9 OLC L . 27.48 -10.85 1.76
C17 OLC L . 23.26 -17.78 -0.90
C11 OLC L . 27.56 -12.64 0.03
C8 OLC L . 27.13 -9.82 0.71
C24 OLC L . 28.75 1.61 -0.61
C16 OLC L . 22.81 -16.71 0.08
C12 OLC L . 27.04 -14.07 0.02
C7 OLC L . 26.43 -8.63 1.33
C15 OLC L . 23.47 -15.39 -0.26
C13 OLC L . 25.54 -14.05 -0.07
C6 OLC L . 26.88 -7.35 0.65
C14 OLC L . 24.95 -15.44 0.05
C5 OLC L . 25.68 -6.56 0.16
C4 OLC L . 26.12 -5.31 -0.56
C3 OLC L . 26.87 -4.38 0.38
C2 OLC L . 27.47 -3.20 -0.37
C21 OLC L . 26.71 0.22 -0.95
C1 OLC L . 26.68 -1.95 -0.06
C22 OLC L . 27.25 1.63 -0.74
O19 OLC L . 25.49 -2.04 0.18
O25 OLC L . 29.22 2.94 -0.56
O23 OLC L . 26.91 2.43 -1.85
O20 OLC L . 27.30 -0.68 -0.05
C18 OLC M . 11.11 -11.50 -26.78
C10 OLC M . 17.60 -9.78 -31.95
C9 OLC M . 18.65 -9.04 -32.38
C17 OLC M . 11.55 -10.72 -28.01
C11 OLC M . 16.19 -9.22 -31.93
C8 OLC M . 18.43 -7.62 -32.86
C24 OLC M . 22.31 3.08 -34.99
C16 OLC M . 12.60 -9.71 -27.63
C12 OLC M . 15.74 -8.99 -30.50
C7 OLC M . 19.17 -7.42 -34.16
C15 OLC M . 13.76 -9.76 -28.60
C13 OLC M . 14.40 -8.29 -30.49
C6 OLC M . 18.60 -6.20 -34.86
C14 OLC M . 13.34 -9.22 -29.95
C5 OLC M . 19.71 -5.46 -35.58
C4 OLC M . 20.81 -5.12 -34.60
C3 OLC M . 20.45 -3.85 -33.87
C2 OLC M . 21.46 -2.79 -34.24
C21 OLC M . 21.38 0.78 -34.70
C1 OLC M . 20.74 -1.48 -34.47
C22 OLC M . 22.35 1.64 -35.47
O19 OLC M . 19.66 -1.27 -33.95
O25 OLC M . 23.61 3.62 -35.13
O23 OLC M . 23.65 1.13 -35.36
O20 OLC M . 21.31 -0.50 -35.29
#